data_2E4Q
#
_entry.id   2E4Q
#
_cell.length_a   49.710
_cell.length_b   49.710
_cell.length_c   172.065
_cell.angle_alpha   90.00
_cell.angle_beta   90.00
_cell.angle_gamma   120.00
#
_symmetry.space_group_name_H-M   'P 31 2 1'
#
loop_
_entity.id
_entity.type
_entity.pdbx_description
1 polymer 'Biphenyl dioxygenase ferredoxin subunit'
2 non-polymer 'FE2/S2 (INORGANIC) CLUSTER'
3 water water
#
_entity_poly.entity_id   1
_entity_poly.type   'polypeptide(L)'
_entity_poly.pdbx_seq_one_letter_code
;MTFTKACSVDEVPPGEALQVSHDAQKVAIFNVDGEFFATQDQCTHGEWSLSEGGYLDGDVVECSLHMGKFCVRTGKVKSP
PPCEPLKVYPIRIEGRDVLVDFSRAALHA
;
_entity_poly.pdbx_strand_id   A,C
#
# COMPACT_ATOMS: atom_id res chain seq x y z
N THR A 2 -8.08 3.29 -24.11
CA THR A 2 -7.74 4.73 -24.00
C THR A 2 -6.55 4.88 -23.07
N PHE A 3 -5.50 5.54 -23.58
CA PHE A 3 -4.33 5.87 -22.77
C PHE A 3 -4.58 7.20 -22.12
N THR A 4 -4.26 7.29 -20.85
CA THR A 4 -4.57 8.45 -20.04
C THR A 4 -3.25 9.07 -19.64
N LYS A 5 -3.12 10.40 -19.74
CA LYS A 5 -1.88 11.00 -19.26
C LYS A 5 -1.78 10.80 -17.73
N ALA A 6 -0.68 10.22 -17.27
CA ALA A 6 -0.50 9.88 -15.86
C ALA A 6 0.42 10.82 -15.13
N CYS A 7 1.46 11.28 -15.83
CA CYS A 7 2.47 12.19 -15.26
C CYS A 7 3.38 12.70 -16.37
N SER A 8 4.36 13.55 -16.02
CA SER A 8 5.32 14.00 -17.01
C SER A 8 6.64 13.28 -16.76
N VAL A 9 7.48 13.16 -17.80
CA VAL A 9 8.68 12.36 -17.64
C VAL A 9 9.61 12.83 -16.54
N ASP A 10 9.69 14.14 -16.30
CA ASP A 10 10.68 14.61 -15.30
C ASP A 10 10.19 14.38 -13.88
N GLU A 11 8.94 13.96 -13.75
CA GLU A 11 8.42 13.51 -12.44
C GLU A 11 8.93 12.14 -12.06
N VAL A 12 9.47 11.39 -13.04
CA VAL A 12 10.01 10.07 -12.75
C VAL A 12 11.41 9.90 -13.38
N PRO A 13 12.46 10.46 -12.74
CA PRO A 13 13.84 10.34 -13.30
C PRO A 13 14.36 8.90 -13.28
N PRO A 14 15.37 8.57 -14.12
CA PRO A 14 15.88 7.19 -14.07
C PRO A 14 16.23 6.79 -12.64
N GLY A 15 15.81 5.58 -12.26
CA GLY A 15 16.06 5.04 -10.92
C GLY A 15 14.98 5.37 -9.89
N GLU A 16 13.95 6.08 -10.31
CA GLU A 16 12.88 6.52 -9.41
C GLU A 16 11.55 5.87 -9.76
N ALA A 17 10.62 5.94 -8.82
CA ALA A 17 9.28 5.44 -9.05
C ALA A 17 8.31 6.53 -8.67
N LEU A 18 7.09 6.44 -9.16
CA LEU A 18 6.05 7.40 -8.85
C LEU A 18 4.68 6.72 -8.80
N GLN A 19 3.86 7.03 -7.79
CA GLN A 19 2.51 6.51 -7.75
C GLN A 19 1.56 7.43 -8.50
N VAL A 20 0.75 6.84 -9.37
CA VAL A 20 -0.34 7.55 -10.04
C VAL A 20 -1.66 6.81 -9.78
N SER A 21 -2.77 7.44 -10.11
CA SER A 21 -4.07 6.89 -9.78
C SER A 21 -5.10 7.18 -10.86
N HIS A 22 -5.92 6.19 -11.15
CA HIS A 22 -7.04 6.40 -12.05
C HIS A 22 -8.18 5.46 -11.68
N ASP A 23 -9.39 6.02 -11.62
CA ASP A 23 -10.54 5.35 -11.04
C ASP A 23 -10.14 4.83 -9.65
N ALA A 24 -10.37 3.57 -9.36
CA ALA A 24 -9.99 3.07 -8.05
C ALA A 24 -8.47 2.80 -7.90
N GLN A 25 -7.75 2.76 -9.02
CA GLN A 25 -6.52 1.94 -9.16
C GLN A 25 -5.21 2.71 -8.97
N LYS A 26 -4.34 2.22 -8.10
CA LYS A 26 -3.02 2.83 -7.91
C LYS A 26 -2.02 2.08 -8.73
N VAL A 27 -1.18 2.84 -9.43
CA VAL A 27 -0.24 2.27 -10.39
C VAL A 27 1.13 2.88 -10.09
N ALA A 28 2.18 2.05 -10.10
CA ALA A 28 3.53 2.52 -9.94
C ALA A 28 4.18 2.67 -11.28
N ILE A 29 4.74 3.85 -11.52
N ILE A 29 4.72 3.84 -11.56
CA ILE A 29 5.52 4.17 -12.74
CA ILE A 29 5.50 4.04 -12.77
C ILE A 29 6.99 4.08 -12.37
C ILE A 29 6.97 4.08 -12.39
N PHE A 30 7.78 3.35 -13.15
CA PHE A 30 9.21 3.23 -12.92
C PHE A 30 9.92 3.71 -14.16
N ASN A 31 11.04 4.41 -13.97
CA ASN A 31 11.93 4.78 -15.06
C ASN A 31 13.22 4.03 -14.88
N VAL A 32 13.49 3.11 -15.80
CA VAL A 32 14.74 2.37 -15.76
C VAL A 32 15.57 2.83 -16.97
N ASP A 33 16.62 3.60 -16.72
CA ASP A 33 17.52 4.07 -17.79
C ASP A 33 16.79 4.66 -18.99
N GLY A 34 15.72 5.44 -18.75
CA GLY A 34 14.99 6.06 -19.85
C GLY A 34 13.79 5.31 -20.41
N GLU A 35 13.61 4.05 -19.99
CA GLU A 35 12.45 3.27 -20.42
C GLU A 35 11.44 3.26 -19.26
N PHE A 36 10.15 3.41 -19.59
CA PHE A 36 9.12 3.54 -18.53
C PHE A 36 8.35 2.24 -18.39
N PHE A 37 8.01 1.90 -17.15
CA PHE A 37 7.27 0.65 -16.89
C PHE A 37 6.15 0.99 -15.94
N ALA A 38 5.03 0.30 -16.05
CA ALA A 38 3.90 0.55 -15.14
C ALA A 38 3.38 -0.77 -14.61
N THR A 39 3.21 -0.83 -13.28
CA THR A 39 2.75 -2.06 -12.64
C THR A 39 1.69 -1.68 -11.62
N GLN A 40 1.00 -2.67 -11.06
CA GLN A 40 0.15 -2.32 -9.92
C GLN A 40 1.04 -1.73 -8.83
N ASP A 41 0.49 -0.85 -8.00
CA ASP A 41 1.30 -0.24 -6.94
C ASP A 41 1.45 -1.14 -5.73
N GLN A 42 0.46 -2.00 -5.48
CA GLN A 42 0.45 -2.88 -4.30
C GLN A 42 1.40 -4.06 -4.37
N CYS A 43 2.28 -4.17 -3.38
CA CYS A 43 3.15 -5.35 -3.25
C CYS A 43 2.23 -6.57 -3.04
N THR A 44 2.50 -7.68 -3.71
CA THR A 44 1.67 -8.86 -3.58
C THR A 44 1.89 -9.65 -2.29
N HIS A 45 2.91 -9.32 -1.51
CA HIS A 45 3.00 -9.93 -0.16
C HIS A 45 1.95 -9.31 0.76
N GLY A 46 2.10 -8.01 1.04
CA GLY A 46 1.30 -7.32 2.07
C GLY A 46 0.61 -6.03 1.64
N GLU A 47 0.65 -5.76 0.33
CA GLU A 47 -0.08 -4.64 -0.30
C GLU A 47 0.52 -3.25 -0.01
N TRP A 48 1.71 -3.23 0.54
CA TRP A 48 2.49 -2.00 0.69
C TRP A 48 2.71 -1.35 -0.67
N SER A 49 2.78 -0.02 -0.69
CA SER A 49 3.11 0.70 -1.94
C SER A 49 4.55 0.47 -2.41
N LEU A 50 4.70 -0.05 -3.64
CA LEU A 50 6.02 -0.24 -4.21
C LEU A 50 6.67 1.11 -4.59
N SER A 51 5.87 2.16 -4.66
N SER A 51 5.87 2.16 -4.65
CA SER A 51 6.37 3.53 -4.83
CA SER A 51 6.38 3.52 -4.84
C SER A 51 6.37 4.36 -3.52
C SER A 51 6.83 4.23 -3.54
N GLU A 52 6.45 3.68 -2.37
CA GLU A 52 6.68 4.33 -1.07
C GLU A 52 7.90 3.71 -0.42
N GLY A 53 9.03 4.42 -0.51
CA GLY A 53 10.32 3.98 0.04
C GLY A 53 10.87 2.72 -0.65
N GLY A 54 10.32 2.42 -1.84
CA GLY A 54 10.71 1.23 -2.63
C GLY A 54 11.99 1.43 -3.40
N TYR A 55 13.05 0.72 -3.05
CA TYR A 55 14.30 0.87 -3.79
C TYR A 55 14.18 0.27 -5.19
N LEU A 56 14.72 0.97 -6.18
CA LEU A 56 14.80 0.45 -7.55
C LEU A 56 16.26 0.21 -7.88
N ASP A 57 16.60 -1.04 -8.16
CA ASP A 57 17.95 -1.43 -8.44
C ASP A 57 17.95 -1.99 -9.86
N GLY A 58 18.39 -1.19 -10.81
CA GLY A 58 18.23 -1.60 -12.22
C GLY A 58 16.73 -1.73 -12.52
N ASP A 59 16.29 -2.88 -13.02
CA ASP A 59 14.88 -3.06 -13.29
C ASP A 59 14.14 -3.86 -12.22
N VAL A 60 14.77 -3.98 -11.05
CA VAL A 60 14.16 -4.73 -9.94
C VAL A 60 13.81 -3.78 -8.80
N VAL A 61 12.53 -3.70 -8.46
CA VAL A 61 12.05 -2.90 -7.35
C VAL A 61 12.02 -3.75 -6.07
N GLU A 62 12.48 -3.15 -4.96
CA GLU A 62 12.41 -3.81 -3.65
C GLU A 62 11.39 -3.09 -2.76
N CYS A 63 10.44 -3.87 -2.21
CA CYS A 63 9.44 -3.35 -1.31
C CYS A 63 10.12 -2.98 0.01
N SER A 64 9.82 -1.80 0.54
CA SER A 64 10.50 -1.39 1.79
C SER A 64 10.10 -2.21 3.02
N LEU A 65 8.94 -2.85 2.98
CA LEU A 65 8.41 -3.46 4.21
C LEU A 65 9.13 -4.76 4.58
N HIS A 66 9.16 -5.77 3.70
CA HIS A 66 9.85 -7.05 4.00
C HIS A 66 10.82 -7.48 2.93
N MET A 67 11.25 -6.52 2.11
CA MET A 67 12.33 -6.69 1.13
C MET A 67 11.97 -7.67 -0.01
N GLY A 68 10.68 -7.83 -0.29
CA GLY A 68 10.23 -8.57 -1.51
C GLY A 68 10.71 -7.81 -2.74
N LYS A 69 10.96 -8.52 -3.85
CA LYS A 69 11.45 -7.89 -5.07
C LYS A 69 10.70 -8.37 -6.29
N PHE A 70 10.53 -7.47 -7.26
CA PHE A 70 9.83 -7.80 -8.52
C PHE A 70 10.61 -7.22 -9.68
N CYS A 71 10.63 -7.93 -10.81
CA CYS A 71 11.14 -7.32 -12.04
C CYS A 71 10.04 -6.38 -12.60
N VAL A 72 10.35 -5.09 -12.79
CA VAL A 72 9.30 -4.16 -13.25
C VAL A 72 8.90 -4.29 -14.75
N ARG A 73 9.68 -5.06 -15.50
CA ARG A 73 9.32 -5.43 -16.90
C ARG A 73 8.16 -6.45 -17.05
N THR A 74 8.28 -7.56 -16.34
CA THR A 74 7.37 -8.71 -16.44
C THR A 74 6.39 -8.74 -15.30
N GLY A 75 6.71 -7.99 -14.24
CA GLY A 75 5.96 -8.11 -13.01
C GLY A 75 6.35 -9.35 -12.20
N LYS A 76 7.30 -10.13 -12.69
CA LYS A 76 7.69 -11.40 -12.08
C LYS A 76 8.42 -11.21 -10.74
N VAL A 77 8.17 -12.12 -9.81
CA VAL A 77 8.81 -12.07 -8.51
C VAL A 77 10.28 -12.42 -8.60
N LYS A 78 11.11 -11.63 -7.92
CA LYS A 78 12.55 -11.87 -7.89
C LYS A 78 13.05 -12.32 -6.52
N SER A 79 12.29 -12.02 -5.47
N SER A 79 12.28 -11.99 -5.47
CA SER A 79 12.63 -12.45 -4.12
CA SER A 79 12.62 -12.38 -4.10
C SER A 79 11.40 -12.48 -3.24
C SER A 79 11.34 -12.50 -3.29
N PRO A 80 11.26 -13.52 -2.38
CA PRO A 80 10.09 -13.60 -1.51
C PRO A 80 10.24 -12.51 -0.45
N PRO A 81 9.22 -12.33 0.42
CA PRO A 81 7.99 -13.10 0.58
C PRO A 81 6.92 -13.10 -0.52
N PRO A 82 6.89 -12.09 -1.43
CA PRO A 82 5.84 -12.22 -2.48
C PRO A 82 5.87 -13.56 -3.22
N CYS A 83 4.68 -14.03 -3.62
CA CYS A 83 4.46 -15.22 -4.44
C CYS A 83 3.92 -14.89 -5.83
N GLU A 84 3.00 -13.94 -5.90
CA GLU A 84 2.28 -13.63 -7.16
C GLU A 84 2.98 -12.48 -7.87
N PRO A 85 3.03 -12.53 -9.22
CA PRO A 85 3.55 -11.41 -10.02
C PRO A 85 2.63 -10.22 -9.92
N LEU A 86 3.15 -9.05 -10.34
CA LEU A 86 2.37 -7.84 -10.39
C LEU A 86 1.61 -7.78 -11.70
N LYS A 87 0.44 -7.15 -11.65
CA LYS A 87 -0.25 -6.70 -12.85
C LYS A 87 0.64 -5.67 -13.53
N VAL A 88 0.66 -5.71 -14.86
CA VAL A 88 1.43 -4.77 -15.67
C VAL A 88 0.50 -4.05 -16.62
N TYR A 89 0.77 -2.76 -16.90
CA TYR A 89 -0.08 -1.94 -17.74
C TYR A 89 0.71 -1.41 -18.94
N PRO A 90 0.05 -1.25 -20.09
CA PRO A 90 0.72 -0.60 -21.21
C PRO A 90 1.06 0.87 -20.86
N ILE A 91 2.20 1.32 -21.37
CA ILE A 91 2.69 2.66 -21.05
C ILE A 91 3.47 3.19 -22.24
N ARG A 92 3.20 4.45 -22.55
CA ARG A 92 3.64 5.08 -23.80
C ARG A 92 4.11 6.49 -23.43
N ILE A 93 5.16 6.95 -24.10
CA ILE A 93 5.62 8.34 -23.90
C ILE A 93 5.35 9.12 -25.17
N GLU A 94 4.75 10.32 -25.02
CA GLU A 94 4.56 11.26 -26.14
C GLU A 94 5.10 12.60 -25.69
N GLY A 95 6.24 13.01 -26.25
CA GLY A 95 6.84 14.26 -25.81
C GLY A 95 7.31 14.10 -24.37
N ARG A 96 6.80 14.95 -23.49
CA ARG A 96 7.15 14.86 -22.07
C ARG A 96 6.02 14.19 -21.29
N ASP A 97 5.02 13.68 -21.99
CA ASP A 97 3.86 13.10 -21.31
C ASP A 97 4.00 11.62 -21.20
N VAL A 98 3.62 11.09 -20.04
CA VAL A 98 3.64 9.64 -19.82
C VAL A 98 2.20 9.18 -19.76
N LEU A 99 1.86 8.24 -20.63
CA LEU A 99 0.49 7.80 -20.82
C LEU A 99 0.41 6.32 -20.49
N VAL A 100 -0.67 5.98 -19.78
CA VAL A 100 -0.87 4.60 -19.28
C VAL A 100 -2.28 4.16 -19.65
N ASP A 101 -2.42 2.91 -20.07
CA ASP A 101 -3.74 2.41 -20.35
C ASP A 101 -4.21 1.71 -19.10
N PHE A 102 -4.92 2.45 -18.24
CA PHE A 102 -5.36 1.91 -16.96
C PHE A 102 -6.42 0.80 -17.10
N SER A 103 -7.01 0.66 -18.28
CA SER A 103 -8.09 -0.31 -18.51
C SER A 103 -7.54 -1.66 -18.89
N ARG A 104 -6.22 -1.75 -19.07
CA ARG A 104 -5.64 -2.92 -19.73
C ARG A 104 -4.66 -3.68 -18.84
N ALA A 105 -4.87 -3.68 -17.53
CA ALA A 105 -4.08 -4.55 -16.66
C ALA A 105 -3.99 -6.01 -17.18
N ALA A 106 -2.80 -6.56 -17.09
CA ALA A 106 -2.56 -7.97 -17.44
C ALA A 106 -1.60 -8.60 -16.49
N LEU A 107 -1.62 -9.94 -16.42
CA LEU A 107 -0.92 -10.60 -15.36
C LEU A 107 -0.42 -11.94 -15.86
N HIS A 108 0.87 -12.18 -15.67
CA HIS A 108 1.46 -13.48 -15.96
C HIS A 108 0.94 -14.57 -15.06
N ALA A 109 0.98 -15.78 -15.62
CA ALA A 109 1.04 -17.03 -14.86
C ALA A 109 -0.34 -17.36 -14.35
N THR B 2 3.37 -15.96 9.12
CA THR B 2 2.17 -16.68 8.64
C THR B 2 1.03 -15.70 8.67
N PHE B 3 0.19 -15.68 7.64
CA PHE B 3 -1.04 -14.86 7.71
C PHE B 3 -2.12 -15.63 8.47
N THR B 4 -2.78 -14.96 9.41
CA THR B 4 -3.85 -15.50 10.25
C THR B 4 -5.13 -14.75 9.87
N LYS B 5 -6.28 -15.42 9.94
CA LYS B 5 -7.55 -14.78 9.65
C LYS B 5 -7.88 -13.69 10.69
N ALA B 6 -8.14 -12.46 10.23
CA ALA B 6 -8.41 -11.32 11.13
C ALA B 6 -9.94 -11.07 11.19
N CYS B 7 -10.56 -10.99 10.02
CA CYS B 7 -12.00 -10.79 9.92
C CYS B 7 -12.48 -11.15 8.51
N SER B 8 -13.78 -11.06 8.25
N SER B 8 -13.79 -11.06 8.27
CA SER B 8 -14.29 -11.17 6.90
CA SER B 8 -14.36 -11.13 6.93
C SER B 8 -14.54 -9.75 6.34
C SER B 8 -14.39 -9.71 6.35
N VAL B 9 -14.42 -9.61 5.03
CA VAL B 9 -14.52 -8.28 4.39
C VAL B 9 -15.83 -7.55 4.71
N ASP B 10 -16.89 -8.29 5.01
CA ASP B 10 -18.18 -7.66 5.24
C ASP B 10 -18.31 -7.11 6.66
N GLU B 11 -17.34 -7.43 7.51
CA GLU B 11 -17.32 -6.91 8.87
C GLU B 11 -16.75 -5.48 8.93
N VAL B 12 -16.19 -5.02 7.82
CA VAL B 12 -15.58 -3.70 7.71
C VAL B 12 -15.97 -3.06 6.39
N PRO B 13 -17.16 -2.46 6.32
CA PRO B 13 -17.55 -1.77 5.07
C PRO B 13 -16.72 -0.49 4.84
N PRO B 14 -16.71 0.06 3.61
CA PRO B 14 -15.90 1.24 3.33
C PRO B 14 -16.16 2.43 4.27
N GLY B 15 -15.07 3.01 4.76
CA GLY B 15 -15.11 4.13 5.69
C GLY B 15 -15.21 3.71 7.14
N GLU B 16 -15.21 2.40 7.41
CA GLU B 16 -15.26 1.92 8.78
C GLU B 16 -13.94 1.23 9.19
N ALA B 17 -13.81 1.01 10.48
CA ALA B 17 -12.66 0.32 11.05
C ALA B 17 -13.15 -0.76 11.99
N LEU B 18 -12.28 -1.73 12.26
CA LEU B 18 -12.58 -2.81 13.15
C LEU B 18 -11.33 -3.19 13.94
N GLN B 19 -11.49 -3.40 15.24
CA GLN B 19 -10.35 -3.86 16.05
C GLN B 19 -10.30 -5.37 16.03
N VAL B 20 -9.10 -5.92 15.81
CA VAL B 20 -8.86 -7.36 15.93
C VAL B 20 -7.70 -7.61 16.89
N SER B 21 -7.57 -8.85 17.38
CA SER B 21 -6.49 -9.16 18.32
C SER B 21 -5.82 -10.45 17.97
N HIS B 22 -4.58 -10.58 18.39
CA HIS B 22 -3.82 -11.80 18.26
C HIS B 22 -2.75 -11.75 19.33
N ASP B 23 -2.69 -12.80 20.14
CA ASP B 23 -1.92 -12.80 21.38
C ASP B 23 -2.41 -11.62 22.22
N ALA B 24 -1.49 -10.72 22.55
CA ALA B 24 -1.91 -9.57 23.32
C ALA B 24 -2.04 -8.33 22.42
N GLN B 25 -1.73 -8.49 21.12
CA GLN B 25 -1.64 -7.33 20.23
C GLN B 25 -3.01 -6.92 19.72
N LYS B 26 -3.26 -5.62 19.63
CA LYS B 26 -4.50 -5.12 19.04
C LYS B 26 -4.15 -4.43 17.74
N VAL B 27 -4.93 -4.73 16.72
CA VAL B 27 -4.69 -4.26 15.39
C VAL B 27 -5.97 -3.61 14.89
N ALA B 28 -5.83 -2.48 14.18
CA ALA B 28 -6.95 -1.80 13.53
C ALA B 28 -6.97 -2.23 12.06
N ILE B 29 -8.15 -2.64 11.58
CA ILE B 29 -8.40 -2.88 10.15
C ILE B 29 -9.26 -1.76 9.66
N PHE B 30 -8.83 -1.10 8.60
CA PHE B 30 -9.57 0.01 7.99
C PHE B 30 -9.93 -0.37 6.57
N ASN B 31 -11.13 0.01 6.14
CA ASN B 31 -11.51 -0.15 4.73
C ASN B 31 -11.62 1.23 4.09
N VAL B 32 -10.70 1.54 3.20
CA VAL B 32 -10.74 2.81 2.49
C VAL B 32 -11.15 2.50 1.06
N ASP B 33 -12.37 2.88 0.71
CA ASP B 33 -12.89 2.72 -0.66
C ASP B 33 -12.64 1.32 -1.24
N GLY B 34 -12.89 0.28 -0.44
CA GLY B 34 -12.65 -1.11 -0.86
C GLY B 34 -11.23 -1.72 -0.74
N GLU B 35 -10.26 -0.95 -0.25
CA GLU B 35 -8.93 -1.49 0.02
C GLU B 35 -8.77 -1.58 1.53
N PHE B 36 -8.14 -2.64 2.01
CA PHE B 36 -8.03 -2.86 3.47
C PHE B 36 -6.63 -2.61 3.96
N PHE B 37 -6.51 -2.05 5.16
CA PHE B 37 -5.20 -1.69 5.75
C PHE B 37 -5.19 -2.12 7.20
N ALA B 38 -4.04 -2.57 7.68
CA ALA B 38 -3.92 -3.02 9.09
C ALA B 38 -2.77 -2.24 9.71
N THR B 39 -3.03 -1.63 10.86
CA THR B 39 -2.03 -0.87 11.60
C THR B 39 -2.12 -1.29 13.04
N GLN B 40 -1.14 -0.94 13.86
CA GLN B 40 -1.37 -1.08 15.30
C GLN B 40 -2.62 -0.29 15.65
N ASP B 41 -3.33 -0.78 16.65
CA ASP B 41 -4.57 -0.10 17.04
C ASP B 41 -4.31 1.09 17.95
N GLN B 42 -3.27 1.03 18.77
CA GLN B 42 -3.01 2.10 19.75
C GLN B 42 -2.41 3.33 19.10
N CYS B 43 -3.03 4.49 19.33
CA CYS B 43 -2.42 5.77 18.97
C CYS B 43 -1.04 5.86 19.60
N THR B 44 -0.04 6.39 18.90
CA THR B 44 1.33 6.32 19.45
C THR B 44 1.54 7.41 20.51
N HIS B 45 0.61 8.34 20.57
CA HIS B 45 0.73 9.46 21.50
C HIS B 45 0.29 9.05 22.91
N GLY B 46 -0.97 8.64 23.03
CA GLY B 46 -1.50 8.23 24.38
C GLY B 46 -2.31 6.94 24.37
N GLU B 47 -2.08 6.07 23.38
CA GLU B 47 -2.62 4.71 23.40
C GLU B 47 -4.12 4.57 23.14
N TRP B 48 -4.83 5.65 22.83
CA TRP B 48 -6.26 5.52 22.58
C TRP B 48 -6.50 4.65 21.34
N SER B 49 -7.53 3.78 21.37
CA SER B 49 -7.83 2.95 20.18
C SER B 49 -8.20 3.76 18.94
N LEU B 50 -7.49 3.55 17.83
CA LEU B 50 -7.81 4.22 16.56
C LEU B 50 -9.04 3.64 15.86
N SER B 51 -9.24 2.33 15.99
CA SER B 51 -10.39 1.69 15.34
C SER B 51 -11.68 1.92 16.08
N GLU B 52 -11.62 1.95 17.41
CA GLU B 52 -12.84 2.14 18.19
C GLU B 52 -13.07 3.61 18.55
N GLY B 53 -11.96 4.32 18.72
CA GLY B 53 -11.99 5.73 19.10
C GLY B 53 -11.87 6.72 17.96
N GLY B 54 -11.22 6.34 16.87
CA GLY B 54 -10.89 7.30 15.80
C GLY B 54 -11.96 7.58 14.76
N TYR B 55 -11.78 8.65 14.00
CA TYR B 55 -12.66 8.96 12.88
C TYR B 55 -11.83 8.81 11.61
N LEU B 56 -12.27 7.92 10.71
CA LEU B 56 -11.63 7.69 9.42
C LEU B 56 -12.19 8.65 8.36
N ASP B 57 -11.33 9.54 7.86
CA ASP B 57 -11.72 10.50 6.84
C ASP B 57 -10.88 10.14 5.65
N GLY B 58 -11.46 9.42 4.69
CA GLY B 58 -10.69 8.90 3.57
C GLY B 58 -9.69 7.89 4.09
N ASP B 59 -8.40 8.10 3.80
CA ASP B 59 -7.31 7.25 4.32
C ASP B 59 -6.57 7.84 5.54
N VAL B 60 -7.18 8.83 6.19
CA VAL B 60 -6.58 9.46 7.36
C VAL B 60 -7.44 9.21 8.58
N VAL B 61 -6.88 8.59 9.62
CA VAL B 61 -7.60 8.39 10.88
C VAL B 61 -7.20 9.48 11.87
N GLU B 62 -8.21 10.13 12.46
CA GLU B 62 -8.03 11.13 13.53
C GLU B 62 -8.38 10.53 14.89
N CYS B 63 -7.46 10.67 15.83
CA CYS B 63 -7.63 10.16 17.17
C CYS B 63 -8.55 11.10 17.95
N SER B 64 -9.59 10.52 18.57
N SER B 64 -9.59 10.52 18.57
CA SER B 64 -10.59 11.30 19.27
CA SER B 64 -10.60 11.33 19.25
C SER B 64 -10.07 12.04 20.49
C SER B 64 -10.12 11.99 20.54
N LEU B 65 -9.00 11.54 21.08
CA LEU B 65 -8.51 12.06 22.36
C LEU B 65 -7.81 13.43 22.27
N HIS B 66 -6.78 13.54 21.43
CA HIS B 66 -6.01 14.80 21.33
C HIS B 66 -5.84 15.26 19.88
N MET B 67 -6.59 14.61 19.00
CA MET B 67 -6.85 15.01 17.63
C MET B 67 -5.62 14.80 16.74
N GLY B 68 -4.70 13.94 17.19
CA GLY B 68 -3.62 13.41 16.32
C GLY B 68 -4.17 12.73 15.06
N LYS B 69 -3.41 12.68 13.97
CA LYS B 69 -3.88 12.03 12.72
C LYS B 69 -2.79 11.16 12.13
N PHE B 70 -3.18 10.04 11.51
CA PHE B 70 -2.21 9.11 10.89
C PHE B 70 -2.77 8.68 9.55
N CYS B 71 -1.88 8.44 8.61
CA CYS B 71 -2.25 7.84 7.35
C CYS B 71 -2.34 6.35 7.60
N VAL B 72 -3.50 5.75 7.35
CA VAL B 72 -3.68 4.32 7.61
C VAL B 72 -2.96 3.42 6.62
N ARG B 73 -2.56 4.00 5.48
N ARG B 73 -2.59 3.97 5.46
CA ARG B 73 -1.82 3.25 4.42
CA ARG B 73 -1.81 3.23 4.44
C ARG B 73 -0.36 3.04 4.74
C ARG B 73 -0.39 2.97 4.91
N THR B 74 0.26 4.04 5.37
CA THR B 74 1.69 4.04 5.62
C THR B 74 2.04 4.15 7.09
N GLY B 75 1.05 4.54 7.90
CA GLY B 75 1.28 4.69 9.35
C GLY B 75 1.91 6.03 9.67
N LYS B 76 2.17 6.84 8.64
CA LYS B 76 2.87 8.14 8.89
C LYS B 76 1.98 9.12 9.66
N VAL B 77 2.61 9.92 10.51
CA VAL B 77 1.87 10.96 11.25
C VAL B 77 1.44 12.10 10.30
N LYS B 78 0.18 12.48 10.32
CA LYS B 78 -0.33 13.59 9.53
C LYS B 78 -0.70 14.81 10.37
N SER B 79 -0.86 14.62 11.70
CA SER B 79 -0.99 15.76 12.61
C SER B 79 -0.51 15.42 14.04
N PRO B 80 0.19 16.35 14.72
CA PRO B 80 0.56 16.10 16.11
C PRO B 80 -0.70 16.14 16.98
N PRO B 81 -0.59 15.82 18.27
CA PRO B 81 0.55 15.49 19.12
C PRO B 81 1.43 14.28 18.79
N PRO B 82 0.88 13.25 18.07
CA PRO B 82 1.75 12.12 17.85
C PRO B 82 3.02 12.56 17.14
N CYS B 83 4.14 11.93 17.41
CA CYS B 83 5.37 12.18 16.66
C CYS B 83 6.09 10.89 16.26
N GLU B 84 5.42 9.73 16.40
CA GLU B 84 6.01 8.45 16.05
C GLU B 84 4.96 7.77 15.16
N PRO B 85 5.41 7.11 14.08
CA PRO B 85 4.46 6.52 13.14
C PRO B 85 3.86 5.21 13.71
N LEU B 86 2.77 4.77 13.12
CA LEU B 86 2.14 3.49 13.47
C LEU B 86 2.90 2.32 12.86
N LYS B 87 3.02 1.22 13.60
CA LYS B 87 3.38 -0.07 12.95
C LYS B 87 2.31 -0.46 11.94
N VAL B 88 2.75 -0.97 10.80
N VAL B 88 2.76 -0.96 10.78
CA VAL B 88 1.84 -1.41 9.74
CA VAL B 88 1.84 -1.43 9.72
C VAL B 88 2.00 -2.92 9.66
C VAL B 88 2.05 -2.91 9.45
N TYR B 89 0.95 -3.62 9.20
CA TYR B 89 0.99 -5.05 9.01
C TYR B 89 0.64 -5.44 7.57
N PRO B 90 1.30 -6.47 7.06
CA PRO B 90 0.95 -7.00 5.74
C PRO B 90 -0.41 -7.64 5.81
N ILE B 91 -1.22 -7.35 4.81
CA ILE B 91 -2.57 -7.82 4.75
C ILE B 91 -2.74 -8.60 3.42
N ARG B 92 -3.63 -9.59 3.43
CA ARG B 92 -3.90 -10.48 2.29
C ARG B 92 -5.40 -10.69 2.24
N ILE B 93 -6.01 -10.41 1.09
CA ILE B 93 -7.45 -10.68 0.90
C ILE B 93 -7.57 -11.98 0.11
N GLU B 94 -8.28 -12.95 0.67
CA GLU B 94 -8.39 -14.23 -0.01
C GLU B 94 -9.85 -14.63 0.14
N GLY B 95 -10.58 -14.58 -0.98
CA GLY B 95 -12.03 -14.79 -0.95
C GLY B 95 -12.68 -13.68 -0.15
N ARG B 96 -13.45 -14.05 0.86
CA ARG B 96 -14.06 -13.07 1.77
C ARG B 96 -13.19 -12.81 3.00
N ASP B 97 -12.01 -13.42 3.08
CA ASP B 97 -11.20 -13.31 4.31
C ASP B 97 -10.21 -12.17 4.23
N VAL B 98 -10.07 -11.44 5.33
CA VAL B 98 -8.98 -10.50 5.50
C VAL B 98 -7.99 -11.22 6.40
N LEU B 99 -6.78 -11.52 5.88
CA LEU B 99 -5.76 -12.16 6.70
C LEU B 99 -4.64 -11.15 7.00
N VAL B 100 -4.00 -11.31 8.15
CA VAL B 100 -2.91 -10.42 8.57
C VAL B 100 -1.77 -11.25 9.07
N ASP B 101 -0.53 -10.87 8.76
CA ASP B 101 0.63 -11.51 9.40
C ASP B 101 1.05 -10.71 10.63
N PHE B 102 0.60 -11.19 11.77
CA PHE B 102 0.73 -10.45 13.02
C PHE B 102 2.18 -10.43 13.49
N SER B 103 3.02 -11.29 12.92
CA SER B 103 4.43 -11.34 13.31
C SER B 103 5.26 -10.44 12.40
N ARG B 104 4.61 -9.79 11.43
CA ARG B 104 5.38 -9.05 10.42
C ARG B 104 5.19 -7.53 10.43
N ALA B 105 4.89 -6.95 11.59
CA ALA B 105 4.81 -5.48 11.69
C ALA B 105 6.09 -4.80 11.20
N ALA B 106 5.93 -3.62 10.62
CA ALA B 106 7.06 -2.83 10.22
C ALA B 106 6.67 -1.35 10.24
N LEU B 107 7.68 -0.50 10.15
CA LEU B 107 7.45 0.95 10.03
C LEU B 107 7.81 1.40 8.61
N HIS B 108 7.20 2.48 8.15
CA HIS B 108 7.53 3.04 6.85
C HIS B 108 9.02 3.42 6.84
#